data_9CXM
#
_entry.id   9CXM
#
_cell.length_a   52.932
_cell.length_b   112.275
_cell.length_c   132.796
_cell.angle_alpha   90.00
_cell.angle_beta   90.00
_cell.angle_gamma   90.00
#
_symmetry.space_group_name_H-M   'P 21 21 21'
#
loop_
_entity.id
_entity.type
_entity.pdbx_description
1 polymer Fructosamine-3-kinase
2 non-polymer 'SULFATE ION'
3 non-polymer 1,2-ETHANEDIOL
4 non-polymer "ADENOSINE-5'-DIPHOSPHATE"
5 non-polymer "ADENOSINE-5'-TRIPHOSPHATE"
6 non-polymer 1-deoxy-1-(morpholin-4-yl)-D-fructose
7 water water
#
_entity_poly.entity_id   1
_entity_poly.type   'polypeptide(L)'
_entity_poly.pdbx_seq_one_letter_code
;AMEQLLRAELRTATLRAFGGPGAGCISEGRAYDTDAGPVFVKVNRRTQARQMFEGEVASLEALRSTGLVRVPRPMKVIDL
PGGGAAFVMEHLKMKSLSSQASKLGEQMADLHLYNQKGSSYVDKFGFHTVTCCGFIPQVNEWQDDWPTFFARHRLQAQLD
LIEKDYADREARELWSRLQVKIPDLFCGLEIVPALLHGDLWSGNVAEDDVGPIIYDPASFYGHSEFELAIALMFGGFPRS
FFTAYHRKIPKAPGFDQRLLLYQLFNYLNHWNHFGREYRSPSLGTMRRLLK
;
_entity_poly.pdbx_strand_id   A,B
#
# COMPACT_ATOMS: atom_id res chain seq x y z
N ALA A 1 -0.29 -15.90 23.33
CA ALA A 1 -0.11 -15.04 22.16
C ALA A 1 -0.90 -15.55 20.94
N MET A 2 -0.44 -15.14 19.76
CA MET A 2 -1.10 -15.49 18.50
C MET A 2 -1.04 -16.99 18.28
N GLU A 3 0.18 -17.51 18.24
CA GLU A 3 0.42 -18.92 18.02
C GLU A 3 -0.36 -19.80 19.00
N GLN A 4 -0.39 -19.41 20.28
CA GLN A 4 -1.10 -20.20 21.29
C GLN A 4 -2.60 -20.17 21.04
N LEU A 5 -3.14 -19.00 20.70
CA LEU A 5 -4.55 -18.91 20.39
C LEU A 5 -4.89 -19.81 19.20
N LEU A 6 -4.04 -19.82 18.18
CA LEU A 6 -4.31 -20.65 16.99
C LEU A 6 -4.25 -22.14 17.33
N ARG A 7 -3.24 -22.54 18.12
CA ARG A 7 -3.18 -23.94 18.57
C ARG A 7 -4.44 -24.31 19.31
N ALA A 8 -4.93 -23.42 20.21
CA ALA A 8 -6.12 -23.76 20.97
C ALA A 8 -7.36 -23.77 20.09
N GLU A 9 -7.52 -22.75 19.25
CA GLU A 9 -8.74 -22.63 18.45
C GLU A 9 -8.83 -23.72 17.39
N LEU A 10 -7.69 -24.11 16.82
CA LEU A 10 -7.65 -25.16 15.81
C LEU A 10 -7.43 -26.54 16.41
N ARG A 11 -7.10 -26.63 17.70
CA ARG A 11 -6.89 -27.91 18.38
C ARG A 11 -5.77 -28.71 17.71
N THR A 12 -4.61 -28.08 17.62
CA THR A 12 -3.45 -28.71 17.02
C THR A 12 -2.28 -28.57 17.97
N ALA A 13 -1.53 -29.66 18.10
CA ALA A 13 -0.30 -29.63 18.88
C ALA A 13 0.77 -28.88 18.11
N THR A 14 0.89 -29.18 16.83
CA THR A 14 1.89 -28.50 16.02
C THR A 14 1.25 -27.29 15.32
N LEU A 15 2.12 -26.37 14.93
CA LEU A 15 1.75 -25.15 14.25
C LEU A 15 3.05 -24.56 13.77
N ARG A 16 3.56 -25.06 12.65
CA ARG A 16 4.90 -24.70 12.23
C ARG A 16 4.78 -23.80 11.01
N ALA A 17 5.26 -22.58 11.15
CA ALA A 17 5.22 -21.64 10.04
C ALA A 17 6.06 -22.14 8.88
N PHE A 18 5.59 -21.87 7.67
CA PHE A 18 6.35 -22.18 6.46
C PHE A 18 5.98 -21.15 5.39
N GLY A 19 6.79 -21.08 4.34
CA GLY A 19 6.48 -20.19 3.24
C GLY A 19 6.71 -18.72 3.48
N GLY A 20 7.26 -18.34 4.64
CA GLY A 20 7.56 -16.94 4.93
C GLY A 20 6.35 -16.02 4.98
N SER A 27 3.71 -0.42 -3.27
CA SER A 27 3.06 0.14 -4.45
C SER A 27 3.34 -0.71 -5.68
N GLU A 28 2.45 -1.69 -5.94
CA GLU A 28 2.50 -2.55 -7.14
C GLU A 28 3.90 -3.15 -7.33
N GLY A 29 4.48 -3.66 -6.26
CA GLY A 29 5.83 -4.17 -6.30
C GLY A 29 5.76 -5.67 -6.50
N ARG A 30 6.48 -6.14 -7.50
CA ARG A 30 6.43 -7.54 -7.87
C ARG A 30 7.84 -8.04 -8.03
N ALA A 31 8.06 -9.25 -7.52
CA ALA A 31 9.37 -9.88 -7.69
C ALA A 31 9.28 -10.73 -8.95
N TYR A 32 10.41 -10.91 -9.63
CA TYR A 32 10.41 -11.71 -10.86
C TYR A 32 11.67 -12.55 -10.89
N ASP A 33 11.51 -13.85 -11.12
CA ASP A 33 12.73 -14.69 -11.32
C ASP A 33 13.36 -14.22 -12.62
N THR A 34 14.68 -14.11 -12.65
CA THR A 34 15.36 -13.59 -13.83
C THR A 34 16.58 -14.44 -14.07
N ASP A 35 17.10 -14.34 -15.30
CA ASP A 35 18.24 -15.15 -15.69
C ASP A 35 19.50 -14.79 -14.89
N ALA A 36 19.81 -13.49 -14.75
CA ALA A 36 21.05 -13.06 -14.11
C ALA A 36 20.93 -12.96 -12.58
N GLY A 37 19.97 -13.64 -12.00
CA GLY A 37 19.69 -13.58 -10.59
C GLY A 37 18.34 -12.95 -10.38
N PRO A 38 17.78 -13.06 -9.19
CA PRO A 38 16.44 -12.54 -8.96
C PRO A 38 16.44 -11.02 -8.82
N VAL A 39 15.31 -10.43 -9.23
CA VAL A 39 15.15 -8.98 -9.15
C VAL A 39 13.81 -8.68 -8.51
N PHE A 40 13.71 -7.47 -7.97
CA PHE A 40 12.48 -6.93 -7.45
C PHE A 40 12.20 -5.63 -8.19
N VAL A 41 10.95 -5.46 -8.62
CA VAL A 41 10.57 -4.36 -9.49
C VAL A 41 9.48 -3.60 -8.81
N LYS A 42 9.68 -2.28 -8.61
CA LYS A 42 8.66 -1.38 -8.10
C LYS A 42 8.06 -0.60 -9.26
N VAL A 43 6.75 -0.47 -9.26
CA VAL A 43 6.06 0.17 -10.37
C VAL A 43 5.25 1.31 -9.81
N ASN A 44 5.32 2.47 -10.47
CA ASN A 44 4.54 3.61 -10.06
C ASN A 44 4.09 4.32 -11.32
N ARG A 45 2.78 4.47 -11.47
CA ARG A 45 2.23 4.90 -12.75
C ARG A 45 2.08 6.40 -12.88
N ARG A 46 2.45 7.17 -11.87
CA ARG A 46 2.22 8.59 -11.95
CA ARG A 46 2.25 8.60 -11.88
C ARG A 46 3.39 9.31 -12.61
N THR A 47 3.10 10.53 -13.07
CA THR A 47 4.01 11.31 -13.90
C THR A 47 5.35 11.53 -13.21
N GLN A 48 5.34 11.75 -11.89
CA GLN A 48 6.57 12.06 -11.15
C GLN A 48 7.38 10.82 -10.78
N ALA A 49 6.94 9.63 -11.18
CA ALA A 49 7.56 8.38 -10.71
C ALA A 49 9.08 8.38 -10.95
N ARG A 50 9.54 8.84 -12.12
CA ARG A 50 10.98 8.81 -12.41
C ARG A 50 11.73 9.67 -11.40
N GLN A 51 11.26 10.90 -11.16
CA GLN A 51 11.95 11.74 -10.19
C GLN A 51 11.99 11.06 -8.83
N MET A 52 10.87 10.47 -8.42
CA MET A 52 10.83 9.80 -7.13
C MET A 52 11.85 8.67 -7.09
N PHE A 53 11.88 7.85 -8.14
CA PHE A 53 12.79 6.73 -8.13
C PHE A 53 14.24 7.19 -8.23
N GLU A 54 14.50 8.32 -8.90
CA GLU A 54 15.89 8.74 -8.97
C GLU A 54 16.36 9.21 -7.60
N GLY A 55 15.44 9.79 -6.82
CA GLY A 55 15.81 10.15 -5.46
C GLY A 55 16.09 8.90 -4.62
N GLU A 56 15.30 7.85 -4.84
CA GLU A 56 15.53 6.61 -4.12
C GLU A 56 16.85 6.01 -4.54
N VAL A 57 17.17 6.07 -5.85
CA VAL A 57 18.45 5.53 -6.29
C VAL A 57 19.57 6.32 -5.63
N ALA A 58 19.41 7.64 -5.59
CA ALA A 58 20.48 8.48 -5.06
C ALA A 58 20.65 8.20 -3.57
N SER A 59 19.55 7.96 -2.88
CA SER A 59 19.65 7.62 -1.45
C SER A 59 20.33 6.27 -1.27
N LEU A 60 19.91 5.25 -2.04
CA LEU A 60 20.53 3.95 -1.90
C LEU A 60 22.01 4.05 -2.19
N GLU A 61 22.38 4.86 -3.20
CA GLU A 61 23.80 4.91 -3.55
C GLU A 61 24.61 5.55 -2.42
N ALA A 62 24.04 6.59 -1.82
CA ALA A 62 24.75 7.25 -0.71
C ALA A 62 24.93 6.30 0.45
N LEU A 63 23.88 5.52 0.76
CA LEU A 63 24.00 4.55 1.85
C LEU A 63 25.01 3.47 1.49
N ARG A 64 24.98 3.01 0.22
CA ARG A 64 25.90 1.95 -0.18
C ARG A 64 27.33 2.45 -0.12
N SER A 65 27.53 3.75 -0.37
CA SER A 65 28.91 4.23 -0.38
C SER A 65 29.57 4.12 0.98
N THR A 66 28.77 4.10 2.07
CA THR A 66 29.36 4.03 3.42
C THR A 66 29.88 2.63 3.72
N GLY A 67 29.30 1.59 3.07
CA GLY A 67 29.60 0.22 3.39
C GLY A 67 29.14 -0.24 4.75
N LEU A 68 28.29 0.54 5.43
CA LEU A 68 27.91 0.25 6.82
C LEU A 68 26.57 -0.47 6.97
N VAL A 69 25.69 -0.40 5.95
CA VAL A 69 24.36 -0.98 6.04
C VAL A 69 24.05 -1.70 4.73
N ARG A 70 23.27 -2.74 4.82
CA ARG A 70 22.97 -3.56 3.63
C ARG A 70 21.68 -3.03 3.05
N VAL A 71 21.71 -2.60 1.79
CA VAL A 71 20.53 -2.10 1.09
C VAL A 71 20.47 -2.75 -0.27
N PRO A 72 19.30 -2.78 -0.89
CA PRO A 72 19.22 -3.43 -2.22
C PRO A 72 19.98 -2.60 -3.25
N ARG A 73 20.70 -3.28 -4.14
CA ARG A 73 21.47 -2.59 -5.17
C ARG A 73 20.54 -2.10 -6.26
N PRO A 74 20.49 -0.81 -6.54
CA PRO A 74 19.65 -0.31 -7.65
C PRO A 74 20.19 -0.81 -8.98
N MET A 75 19.28 -1.20 -9.88
CA MET A 75 19.71 -1.65 -11.21
C MET A 75 19.24 -0.73 -12.32
N LYS A 76 17.96 -0.40 -12.40
CA LYS A 76 17.56 0.38 -13.56
C LYS A 76 16.28 1.12 -13.28
N VAL A 77 16.14 2.34 -13.84
CA VAL A 77 14.87 3.06 -13.82
C VAL A 77 14.37 3.18 -15.26
N ILE A 78 13.15 2.71 -15.50
CA ILE A 78 12.61 2.50 -16.84
C ILE A 78 11.35 3.35 -17.00
N ASP A 79 11.31 4.17 -18.04
CA ASP A 79 10.09 4.91 -18.32
C ASP A 79 9.07 3.98 -18.91
N LEU A 80 7.81 4.08 -18.41
CA LEU A 80 6.74 3.16 -18.77
C LEU A 80 5.87 3.78 -19.86
N PRO A 81 5.58 3.05 -20.94
CA PRO A 81 4.56 3.50 -21.88
C PRO A 81 3.27 3.83 -21.15
N GLY A 82 2.72 5.00 -21.42
CA GLY A 82 1.52 5.39 -20.73
C GLY A 82 1.75 6.08 -19.40
N GLY A 83 3.00 6.29 -19.01
CA GLY A 83 3.28 7.16 -17.89
C GLY A 83 3.83 6.40 -16.68
N GLY A 84 4.69 7.08 -15.92
CA GLY A 84 5.26 6.46 -14.74
C GLY A 84 6.54 5.73 -15.08
N ALA A 85 6.95 4.89 -14.14
CA ALA A 85 8.27 4.29 -14.27
C ALA A 85 8.30 3.01 -13.44
N ALA A 86 9.24 2.15 -13.76
CA ALA A 86 9.54 0.97 -12.98
C ALA A 86 10.98 1.14 -12.48
N PHE A 87 11.23 0.66 -11.27
CA PHE A 87 12.56 0.71 -10.65
C PHE A 87 12.92 -0.72 -10.33
N VAL A 88 13.94 -1.23 -10.99
CA VAL A 88 14.39 -2.61 -10.82
C VAL A 88 15.60 -2.59 -9.89
N MET A 89 15.58 -3.49 -8.89
CA MET A 89 16.69 -3.59 -7.96
C MET A 89 17.01 -5.07 -7.66
N GLU A 90 18.19 -5.29 -7.08
CA GLU A 90 18.57 -6.61 -6.58
C GLU A 90 17.49 -7.16 -5.66
N HIS A 91 17.12 -8.42 -5.84
CA HIS A 91 16.15 -9.04 -4.95
C HIS A 91 16.85 -9.57 -3.72
N LEU A 92 16.20 -9.38 -2.58
CA LEU A 92 16.76 -9.88 -1.30
C LEU A 92 15.67 -10.67 -0.56
N LYS A 93 16.00 -11.90 -0.14
CA LYS A 93 15.07 -12.71 0.67
C LYS A 93 15.08 -12.09 2.05
N MET A 94 13.94 -11.60 2.50
CA MET A 94 13.95 -10.83 3.77
C MET A 94 12.87 -11.32 4.74
N LYS A 95 13.10 -11.11 6.02
CA LYS A 95 12.10 -11.46 7.05
C LYS A 95 12.05 -10.26 8.00
N SER A 96 11.04 -10.21 8.84
CA SER A 96 10.89 -9.09 9.81
C SER A 96 12.17 -8.96 10.64
N LEU A 97 12.51 -7.72 10.99
CA LEU A 97 13.70 -7.50 11.85
C LEU A 97 13.40 -8.05 13.24
N SER A 98 14.23 -8.96 13.70
CA SER A 98 14.09 -9.53 15.05
C SER A 98 15.48 -9.85 15.58
N SER A 99 16.03 -10.98 15.16
CA SER A 99 17.35 -11.38 15.70
C SER A 99 18.43 -10.34 15.41
N GLN A 100 18.31 -9.59 14.32
CA GLN A 100 19.40 -8.67 13.91
C GLN A 100 19.13 -7.23 14.37
N ALA A 101 18.19 -7.03 15.29
CA ALA A 101 17.83 -5.67 15.75
C ALA A 101 19.06 -4.97 16.36
N SER A 102 19.77 -5.65 17.26
CA SER A 102 20.91 -4.98 17.90
C SER A 102 22.02 -4.67 16.89
N LYS A 103 22.27 -5.58 15.97
CA LYS A 103 23.24 -5.28 14.93
C LYS A 103 22.80 -4.06 14.13
N LEU A 104 21.52 -3.98 13.79
CA LEU A 104 21.08 -2.83 13.02
C LEU A 104 21.24 -1.53 13.83
N GLY A 105 20.94 -1.56 15.14
CA GLY A 105 21.20 -0.36 15.96
C GLY A 105 22.64 0.11 15.86
N GLU A 106 23.58 -0.85 15.94
CA GLU A 106 25.00 -0.51 15.79
C GLU A 106 25.28 0.09 14.42
N GLN A 107 24.75 -0.55 13.36
CA GLN A 107 25.02 -0.05 12.01
C GLN A 107 24.43 1.34 11.81
N MET A 108 23.24 1.59 12.33
CA MET A 108 22.62 2.89 12.12
C MET A 108 23.39 3.96 12.87
N ALA A 109 23.89 3.64 14.07
CA ALA A 109 24.69 4.64 14.76
C ALA A 109 25.99 4.90 14.01
N ASP A 110 26.63 3.86 13.47
CA ASP A 110 27.82 4.08 12.66
C ASP A 110 27.48 4.92 11.44
N LEU A 111 26.34 4.65 10.80
CA LEU A 111 25.95 5.46 9.64
C LEU A 111 25.87 6.95 10.01
N HIS A 112 25.27 7.23 11.16
CA HIS A 112 25.08 8.62 11.53
C HIS A 112 26.42 9.27 11.90
N LEU A 113 27.37 8.46 12.38
CA LEU A 113 28.69 9.02 12.71
C LEU A 113 29.63 9.10 11.50
N TYR A 114 29.26 8.45 10.39
CA TYR A 114 30.17 8.33 9.25
C TYR A 114 30.63 9.66 8.69
N ASN A 115 29.72 10.63 8.59
CA ASN A 115 30.08 11.87 7.95
C ASN A 115 31.08 12.64 8.77
N GLN A 116 30.83 12.73 10.06
CA GLN A 116 31.72 13.57 10.86
C GLN A 116 33.07 12.90 11.01
N LYS A 117 33.13 11.60 10.96
CA LYS A 117 34.35 10.87 11.25
C LYS A 117 35.21 10.63 10.00
N GLY A 118 34.67 10.83 8.80
CA GLY A 118 35.41 10.51 7.59
C GLY A 118 36.29 11.64 7.08
N SER A 119 36.88 11.39 5.91
CA SER A 119 37.79 12.32 5.22
C SER A 119 37.11 13.31 4.28
N SER A 120 35.83 13.15 3.96
CA SER A 120 35.12 14.02 3.01
C SER A 120 33.86 14.57 3.68
N TYR A 121 34.06 15.50 4.58
CA TYR A 121 33.00 15.99 5.46
C TYR A 121 31.99 16.87 4.73
N VAL A 122 30.72 16.48 4.80
CA VAL A 122 29.61 17.31 4.33
C VAL A 122 29.23 18.24 5.46
N ASP A 123 29.39 19.55 5.26
CA ASP A 123 29.28 20.47 6.40
C ASP A 123 27.97 21.24 6.42
N LYS A 124 26.93 20.76 5.72
CA LYS A 124 25.65 21.44 5.72
C LYS A 124 24.56 20.38 5.82
N PHE A 125 23.37 20.82 6.15
CA PHE A 125 22.21 19.92 6.22
C PHE A 125 21.48 19.99 4.90
N GLY A 126 21.01 18.84 4.42
CA GLY A 126 20.38 18.78 3.10
C GLY A 126 20.93 17.65 2.25
N PHE A 127 20.89 17.81 0.93
CA PHE A 127 21.27 16.71 0.05
C PHE A 127 21.46 17.27 -1.37
N HIS A 128 22.20 16.50 -2.19
CA HIS A 128 22.53 16.99 -3.52
C HIS A 128 21.40 16.86 -4.51
N THR A 129 20.32 16.18 -4.14
CA THR A 129 19.19 16.03 -5.05
C THR A 129 17.90 15.86 -4.26
N VAL A 130 16.78 15.98 -4.96
CA VAL A 130 15.49 15.83 -4.29
C VAL A 130 15.27 14.37 -3.92
N THR A 131 14.81 14.12 -2.68
CA THR A 131 14.39 12.78 -2.27
C THR A 131 12.98 12.89 -1.68
N CYS A 132 12.16 11.84 -1.86
CA CYS A 132 10.75 11.87 -1.50
C CYS A 132 10.50 11.04 -0.26
N CYS A 133 9.87 11.65 0.76
CA CYS A 133 9.36 10.87 1.88
C CYS A 133 7.95 10.47 1.49
N GLY A 134 7.77 9.19 1.16
CA GLY A 134 6.52 8.76 0.56
C GLY A 134 6.36 9.37 -0.83
N PHE A 135 5.22 9.99 -1.07
CA PHE A 135 4.90 10.52 -2.39
C PHE A 135 5.25 12.00 -2.60
N ILE A 136 5.60 12.75 -1.55
CA ILE A 136 5.72 14.20 -1.64
C ILE A 136 7.20 14.57 -1.84
N PRO A 137 7.55 15.31 -2.89
CA PRO A 137 8.95 15.72 -3.07
C PRO A 137 9.35 16.75 -2.03
N GLN A 138 10.57 16.63 -1.56
CA GLN A 138 11.08 17.56 -0.54
C GLN A 138 12.15 18.47 -1.15
N VAL A 139 12.29 19.67 -0.60
CA VAL A 139 13.45 20.50 -0.91
C VAL A 139 14.59 20.08 0.01
N ASN A 140 15.80 19.90 -0.58
CA ASN A 140 16.98 19.49 0.17
C ASN A 140 18.07 20.56 0.08
N GLU A 141 17.70 21.81 -0.23
CA GLU A 141 18.65 22.90 -0.39
C GLU A 141 19.55 23.00 0.84
N TRP A 142 20.86 23.07 0.61
CA TRP A 142 21.81 23.01 1.71
C TRP A 142 21.66 24.20 2.64
N GLN A 143 21.78 23.96 3.97
CA GLN A 143 21.66 25.02 4.94
C GLN A 143 22.70 24.78 6.00
N ASP A 144 23.29 25.86 6.52
CA ASP A 144 24.31 25.68 7.54
C ASP A 144 23.69 25.25 8.86
N ASP A 145 22.47 25.66 9.14
CA ASP A 145 21.86 25.59 10.44
C ASP A 145 20.74 24.54 10.41
N TRP A 146 20.82 23.52 11.29
CA TRP A 146 19.80 22.48 11.27
C TRP A 146 18.41 22.97 11.64
N PRO A 147 18.19 23.75 12.72
CA PRO A 147 16.84 24.21 12.99
C PRO A 147 16.28 25.03 11.83
N THR A 148 17.14 25.79 11.13
CA THR A 148 16.66 26.50 9.95
C THR A 148 16.20 25.52 8.86
N PHE A 149 17.05 24.55 8.55
CA PHE A 149 16.71 23.56 7.54
C PHE A 149 15.43 22.86 7.91
N PHE A 150 15.32 22.38 9.15
CA PHE A 150 14.14 21.58 9.51
C PHE A 150 12.87 22.42 9.53
N ALA A 151 12.93 23.60 10.15
CA ALA A 151 11.73 24.45 10.16
C ALA A 151 11.29 24.82 8.75
N ARG A 152 12.23 25.20 7.88
CA ARG A 152 11.82 25.70 6.56
C ARG A 152 11.47 24.58 5.60
N HIS A 153 12.39 23.61 5.43
CA HIS A 153 12.28 22.63 4.36
C HIS A 153 11.65 21.32 4.79
N ARG A 154 11.24 21.22 6.04
CA ARG A 154 10.43 20.09 6.49
C ARG A 154 9.13 20.57 7.12
N LEU A 155 9.15 21.29 8.25
CA LEU A 155 7.86 21.63 8.90
C LEU A 155 7.07 22.65 8.07
N GLN A 156 7.72 23.75 7.65
CA GLN A 156 6.97 24.78 6.94
C GLN A 156 6.44 24.25 5.62
N ALA A 157 7.23 23.45 4.92
CA ALA A 157 6.78 22.88 3.67
C ALA A 157 5.49 22.08 3.86
N GLN A 158 5.45 21.22 4.89
CA GLN A 158 4.25 20.42 5.17
C GLN A 158 3.08 21.32 5.57
N LEU A 159 3.34 22.34 6.36
CA LEU A 159 2.24 23.18 6.81
C LEU A 159 1.72 24.11 5.69
N ASP A 160 2.57 24.48 4.74
CA ASP A 160 2.09 25.21 3.56
C ASP A 160 1.16 24.34 2.74
N LEU A 161 1.51 23.07 2.56
CA LEU A 161 0.57 22.17 1.88
C LEU A 161 -0.73 22.01 2.67
N ILE A 162 -0.65 21.92 4.00
CA ILE A 162 -1.88 21.82 4.79
C ILE A 162 -2.72 23.07 4.64
N GLU A 163 -2.08 24.24 4.64
CA GLU A 163 -2.86 25.47 4.47
C GLU A 163 -3.52 25.50 3.10
N LYS A 164 -2.75 25.13 2.06
CA LYS A 164 -3.30 25.17 0.70
C LYS A 164 -4.43 24.16 0.51
N ASP A 165 -4.28 22.94 1.02
CA ASP A 165 -5.28 21.92 0.69
C ASP A 165 -6.40 21.86 1.70
N TYR A 166 -6.15 22.29 2.94
CA TYR A 166 -7.15 22.18 3.99
C TYR A 166 -7.52 23.50 4.59
N ALA A 167 -6.69 24.55 4.44
CA ALA A 167 -6.95 25.86 5.05
C ALA A 167 -7.29 25.75 6.54
N ASP A 168 -6.45 25.00 7.27
CA ASP A 168 -6.74 24.65 8.66
C ASP A 168 -6.28 25.78 9.57
N ARG A 169 -7.25 26.45 10.22
CA ARG A 169 -6.94 27.61 11.07
C ARG A 169 -6.11 27.23 12.29
N GLU A 170 -6.47 26.12 12.94
CA GLU A 170 -5.72 25.71 14.13
C GLU A 170 -4.26 25.41 13.79
N ALA A 171 -4.01 24.71 12.69
CA ALA A 171 -2.61 24.45 12.32
C ALA A 171 -1.85 25.75 12.07
N ARG A 172 -2.49 26.71 11.40
CA ARG A 172 -1.86 28.00 11.13
C ARG A 172 -1.52 28.74 12.42
N GLU A 173 -2.47 28.79 13.37
CA GLU A 173 -2.21 29.55 14.59
C GLU A 173 -1.15 28.87 15.45
N LEU A 174 -1.25 27.53 15.58
CA LEU A 174 -0.26 26.82 16.39
C LEU A 174 1.12 26.95 15.77
N TRP A 175 1.23 26.88 14.43
CA TRP A 175 2.55 27.04 13.83
C TRP A 175 3.09 28.46 14.05
N SER A 176 2.23 29.47 13.95
CA SER A 176 2.71 30.81 14.27
C SER A 176 3.36 30.86 15.66
N ARG A 177 2.75 30.19 16.63
CA ARG A 177 3.32 30.19 17.98
C ARG A 177 4.55 29.30 18.11
N LEU A 178 4.53 28.11 17.49
CA LEU A 178 5.60 27.15 17.72
C LEU A 178 6.90 27.55 17.06
N GLN A 179 6.81 28.19 15.91
CA GLN A 179 8.00 28.45 15.12
C GLN A 179 9.06 29.19 15.91
N VAL A 180 8.63 30.13 16.75
CA VAL A 180 9.63 30.92 17.48
C VAL A 180 10.29 30.13 18.59
N LYS A 181 9.62 29.09 19.09
CA LYS A 181 10.07 28.29 20.21
C LYS A 181 11.12 27.26 19.82
N ILE A 182 11.21 26.93 18.53
CA ILE A 182 12.08 25.82 18.11
C ILE A 182 13.53 26.00 18.58
N PRO A 183 14.18 27.15 18.41
CA PRO A 183 15.60 27.25 18.88
C PRO A 183 15.81 26.92 20.34
N ASP A 184 14.82 27.07 21.21
CA ASP A 184 15.00 26.62 22.60
C ASP A 184 15.39 25.13 22.71
N LEU A 185 14.91 24.29 21.79
CA LEU A 185 15.23 22.87 21.88
C LEU A 185 16.64 22.55 21.41
N PHE A 186 17.36 23.51 20.82
CA PHE A 186 18.68 23.26 20.24
C PHE A 186 19.79 24.07 20.87
N CYS A 187 19.46 25.01 21.75
CA CYS A 187 20.54 25.83 22.31
C CYS A 187 21.50 24.98 23.15
N GLY A 188 22.76 25.42 23.14
CA GLY A 188 23.83 24.74 23.90
C GLY A 188 24.22 23.35 23.44
N LEU A 189 23.91 22.96 22.22
CA LEU A 189 24.20 21.63 21.70
C LEU A 189 24.89 21.74 20.34
N GLU A 190 25.86 20.83 20.08
CA GLU A 190 26.56 20.73 18.80
C GLU A 190 25.75 19.78 17.90
N ILE A 191 25.30 20.29 16.75
CA ILE A 191 24.57 19.44 15.78
C ILE A 191 25.43 19.27 14.54
N VAL A 192 25.77 18.03 14.21
CA VAL A 192 26.68 17.71 13.09
C VAL A 192 25.83 17.08 12.02
N PRO A 193 25.97 17.44 10.74
CA PRO A 193 25.19 16.73 9.70
C PRO A 193 25.49 15.25 9.74
N ALA A 194 24.42 14.44 9.61
CA ALA A 194 24.52 13.00 9.68
C ALA A 194 23.75 12.46 8.49
N LEU A 195 24.35 11.54 7.74
CA LEU A 195 23.62 10.90 6.64
C LEU A 195 22.50 10.04 7.22
N LEU A 196 21.25 10.30 6.79
CA LEU A 196 20.09 9.55 7.29
C LEU A 196 19.47 8.67 6.21
N HIS A 197 18.97 7.52 6.62
CA HIS A 197 18.10 6.74 5.75
C HIS A 197 16.89 7.58 5.36
N GLY A 198 16.28 8.24 6.37
CA GLY A 198 15.27 9.27 6.15
C GLY A 198 13.83 8.76 6.28
N ASP A 199 13.63 7.45 6.30
CA ASP A 199 12.27 6.95 6.41
C ASP A 199 12.28 5.62 7.14
N LEU A 200 12.90 5.59 8.32
CA LEU A 200 13.22 4.30 8.94
C LEU A 200 12.09 3.78 9.78
N TRP A 201 10.93 3.66 9.15
N TRP A 201 10.89 3.71 9.21
CA TRP A 201 9.76 2.97 9.71
CA TRP A 201 9.86 3.01 9.94
C TRP A 201 10.04 1.47 9.79
C TRP A 201 10.03 1.50 9.83
N SER A 202 9.35 0.78 10.71
CA SER A 202 9.63 -0.66 10.85
C SER A 202 9.32 -1.39 9.55
N GLY A 203 8.45 -0.83 8.72
CA GLY A 203 8.15 -1.49 7.46
C GLY A 203 9.24 -1.35 6.43
N ASN A 204 10.25 -0.53 6.68
CA ASN A 204 11.36 -0.36 5.73
C ASN A 204 12.64 -1.01 6.22
N VAL A 205 12.55 -1.93 7.20
CA VAL A 205 13.74 -2.64 7.67
C VAL A 205 13.40 -4.13 7.75
N ALA A 206 14.44 -4.96 7.68
CA ALA A 206 14.23 -6.39 7.64
C ALA A 206 15.53 -7.09 7.95
N GLU A 207 15.58 -8.38 7.68
CA GLU A 207 16.86 -9.08 7.86
C GLU A 207 16.89 -10.41 7.10
N ASP A 208 18.09 -10.94 6.90
CA ASP A 208 18.24 -12.28 6.28
C ASP A 208 19.07 -13.11 7.28
N ASP A 209 19.68 -14.20 6.82
CA ASP A 209 20.48 -15.07 7.72
C ASP A 209 21.85 -14.42 7.96
N VAL A 210 22.23 -13.44 7.15
CA VAL A 210 23.56 -12.79 7.27
C VAL A 210 23.45 -11.56 8.19
N GLY A 211 22.34 -10.83 8.12
CA GLY A 211 22.25 -9.60 8.91
C GLY A 211 21.06 -8.72 8.55
N PRO A 212 20.98 -7.49 9.10
CA PRO A 212 19.84 -6.63 8.85
C PRO A 212 19.90 -5.97 7.47
N ILE A 213 18.73 -5.56 6.97
CA ILE A 213 18.65 -4.90 5.63
C ILE A 213 17.72 -3.70 5.77
N ILE A 214 18.04 -2.59 5.09
CA ILE A 214 17.12 -1.45 5.12
C ILE A 214 16.89 -1.04 3.69
N TYR A 215 15.74 -0.40 3.42
CA TYR A 215 15.37 -0.11 2.04
C TYR A 215 14.35 1.03 2.03
N ASP A 216 13.93 1.44 0.81
CA ASP A 216 13.00 2.55 0.63
C ASP A 216 13.48 3.83 1.34
N PRO A 217 14.77 4.19 1.17
CA PRO A 217 15.27 5.41 1.83
C PRO A 217 14.80 6.68 1.16
N ALA A 218 14.86 7.77 1.93
CA ALA A 218 14.58 9.14 1.49
C ALA A 218 15.68 9.96 2.17
N SER A 219 16.89 9.88 1.63
CA SER A 219 18.05 10.30 2.44
C SER A 219 18.33 11.79 2.35
N PHE A 220 19.02 12.31 3.40
CA PHE A 220 19.49 13.67 3.43
C PHE A 220 20.43 13.72 4.63
N TYR A 221 21.15 14.80 4.75
CA TYR A 221 22.03 15.03 5.91
C TYR A 221 21.23 15.85 6.93
N GLY A 222 21.01 15.26 8.12
CA GLY A 222 20.17 15.91 9.09
C GLY A 222 20.73 15.69 10.48
N HIS A 223 19.94 16.01 11.50
CA HIS A 223 20.29 15.67 12.89
C HIS A 223 20.06 14.19 13.06
N SER A 224 21.05 13.46 13.61
CA SER A 224 20.91 12.01 13.76
C SER A 224 19.59 11.63 14.44
N GLU A 225 19.17 12.41 15.43
CA GLU A 225 17.96 12.06 16.21
C GLU A 225 16.73 11.98 15.35
N PHE A 226 16.69 12.75 14.26
CA PHE A 226 15.47 12.73 13.40
C PHE A 226 15.17 11.34 12.91
N GLU A 227 16.23 10.54 12.60
CA GLU A 227 16.05 9.19 12.11
C GLU A 227 15.14 8.37 12.99
N LEU A 228 15.30 8.49 14.31
CA LEU A 228 14.65 7.59 15.24
C LEU A 228 13.20 7.94 15.49
N ALA A 229 12.76 9.14 15.08
CA ALA A 229 11.42 9.58 15.46
C ALA A 229 10.35 8.68 14.85
N ILE A 230 10.48 8.40 13.55
CA ILE A 230 9.48 7.54 12.84
C ILE A 230 9.57 6.10 13.37
N ALA A 231 10.78 5.65 13.72
CA ALA A 231 10.97 4.28 14.24
C ALA A 231 10.20 4.11 15.55
N LEU A 232 10.26 5.12 16.41
CA LEU A 232 9.60 5.02 17.74
C LEU A 232 8.08 5.24 17.62
N MET A 233 7.66 6.22 16.83
CA MET A 233 6.21 6.59 16.81
C MET A 233 5.33 5.44 16.29
N PHE A 234 5.78 4.69 15.30
CA PHE A 234 4.90 3.63 14.72
C PHE A 234 5.30 2.26 15.26
N GLY A 235 6.30 2.20 16.13
CA GLY A 235 6.73 0.92 16.74
C GLY A 235 7.31 -0.07 15.76
N GLY A 236 7.49 -1.32 16.20
CA GLY A 236 7.97 -2.37 15.29
C GLY A 236 9.41 -2.76 15.55
N PHE A 237 10.17 -1.92 16.25
CA PHE A 237 11.57 -2.21 16.48
C PHE A 237 11.76 -2.85 17.83
N PRO A 238 12.49 -3.96 17.95
CA PRO A 238 12.86 -4.46 19.28
C PRO A 238 13.58 -3.42 20.10
N ARG A 239 13.36 -3.47 21.41
CA ARG A 239 14.08 -2.58 22.33
C ARG A 239 15.60 -2.64 22.11
N SER A 240 16.13 -3.81 21.79
CA SER A 240 17.58 -3.96 21.64
C SER A 240 18.14 -3.14 20.47
N PHE A 241 17.30 -2.79 19.48
CA PHE A 241 17.74 -1.84 18.45
C PHE A 241 18.17 -0.51 19.07
N PHE A 242 17.31 0.04 19.90
CA PHE A 242 17.57 1.34 20.51
C PHE A 242 18.68 1.23 21.55
N THR A 243 18.72 0.13 22.29
CA THR A 243 19.81 -0.02 23.26
C THR A 243 21.15 0.01 22.58
N ALA A 244 21.29 -0.75 21.48
CA ALA A 244 22.56 -0.79 20.79
C ALA A 244 22.89 0.56 20.20
N TYR A 245 21.87 1.24 19.63
CA TYR A 245 22.11 2.52 19.00
C TYR A 245 22.62 3.53 20.03
N HIS A 246 21.93 3.63 21.17
CA HIS A 246 22.28 4.64 22.16
C HIS A 246 23.50 4.28 22.98
N ARG A 247 23.96 3.03 22.96
CA ARG A 247 25.30 2.78 23.49
C ARG A 247 26.37 3.53 22.70
N LYS A 248 26.15 3.75 21.39
CA LYS A 248 27.11 4.51 20.59
C LYS A 248 26.79 5.99 20.48
N ILE A 249 25.51 6.33 20.41
CA ILE A 249 25.10 7.74 20.36
C ILE A 249 24.09 7.96 21.48
N PRO A 250 24.54 8.31 22.69
CA PRO A 250 23.60 8.47 23.79
C PRO A 250 22.65 9.64 23.53
N LYS A 251 21.51 9.56 24.18
CA LYS A 251 20.52 10.62 24.05
C LYS A 251 21.07 11.90 24.60
N ALA A 252 21.15 12.92 23.75
CA ALA A 252 21.62 14.22 24.22
C ALA A 252 20.56 14.91 25.09
N PRO A 253 20.97 15.87 25.92
CA PRO A 253 19.97 16.62 26.69
C PRO A 253 18.87 17.20 25.79
N GLY A 254 17.62 17.08 26.24
CA GLY A 254 16.47 17.56 25.50
C GLY A 254 15.95 16.59 24.44
N PHE A 255 16.49 15.37 24.41
CA PHE A 255 16.10 14.37 23.41
C PHE A 255 14.58 14.20 23.30
N ASP A 256 13.90 14.04 24.44
CA ASP A 256 12.44 13.78 24.40
C ASP A 256 11.64 14.94 23.82
N GLN A 257 12.05 16.20 24.07
CA GLN A 257 11.34 17.31 23.46
C GLN A 257 11.61 17.41 21.95
N ARG A 258 12.87 17.18 21.54
CA ARG A 258 13.13 17.18 20.09
C ARG A 258 12.38 16.03 19.45
N LEU A 259 12.23 14.93 20.17
CA LEU A 259 11.55 13.77 19.62
C LEU A 259 10.12 14.16 19.23
N LEU A 260 9.47 14.96 20.07
CA LEU A 260 8.13 15.43 19.68
C LEU A 260 8.16 16.29 18.42
N LEU A 261 9.12 17.19 18.31
CA LEU A 261 9.24 18.01 17.10
C LEU A 261 9.42 17.15 15.83
N TYR A 262 10.24 16.10 15.96
CA TYR A 262 10.51 15.25 14.79
C TYR A 262 9.30 14.37 14.48
N GLN A 263 8.61 13.93 15.53
CA GLN A 263 7.39 13.17 15.28
C GLN A 263 6.33 14.06 14.63
N LEU A 264 6.29 15.34 15.03
CA LEU A 264 5.36 16.31 14.42
C LEU A 264 5.52 16.34 12.90
N PHE A 265 6.76 16.40 12.44
CA PHE A 265 6.96 16.34 10.99
C PHE A 265 6.28 15.11 10.39
N ASN A 266 6.47 13.95 11.02
CA ASN A 266 5.91 12.72 10.43
C ASN A 266 4.39 12.75 10.47
N TYR A 267 3.81 13.31 11.55
CA TYR A 267 2.34 13.41 11.61
C TYR A 267 1.81 14.32 10.51
N LEU A 268 2.48 15.46 10.27
CA LEU A 268 2.07 16.38 9.20
C LEU A 268 2.18 15.71 7.83
N ASN A 269 3.27 14.97 7.63
CA ASN A 269 3.44 14.26 6.34
C ASN A 269 2.35 13.23 6.14
N HIS A 270 1.91 12.59 7.23
CA HIS A 270 0.83 11.62 7.13
C HIS A 270 -0.53 12.31 6.94
N TRP A 271 -0.74 13.49 7.53
CA TRP A 271 -1.92 14.29 7.20
C TRP A 271 -1.94 14.63 5.71
N ASN A 272 -0.81 15.08 5.17
CA ASN A 272 -0.80 15.42 3.74
C ASN A 272 -0.97 14.17 2.86
N HIS A 273 -0.50 13.01 3.31
CA HIS A 273 -0.65 11.80 2.48
C HIS A 273 -2.03 11.18 2.60
N PHE A 274 -2.55 11.06 3.82
CA PHE A 274 -3.69 10.22 4.11
C PHE A 274 -4.89 10.98 4.67
N GLY A 275 -4.76 12.28 4.89
CA GLY A 275 -5.89 13.06 5.29
C GLY A 275 -6.03 13.24 6.79
N ARG A 276 -7.25 13.63 7.13
CA ARG A 276 -7.60 14.19 8.42
C ARG A 276 -7.56 13.21 9.58
N GLU A 277 -7.40 11.91 9.34
CA GLU A 277 -7.11 10.98 10.43
C GLU A 277 -5.86 11.45 11.19
N TYR A 278 -4.96 12.16 10.52
CA TYR A 278 -3.72 12.61 11.16
C TYR A 278 -3.77 14.05 11.62
N ARG A 279 -4.95 14.69 11.55
CA ARG A 279 -5.06 16.06 12.03
C ARG A 279 -4.92 16.11 13.56
N SER A 280 -5.58 15.18 14.24
CA SER A 280 -5.56 15.21 15.70
C SER A 280 -4.14 15.01 16.25
N PRO A 281 -3.36 14.01 15.81
CA PRO A 281 -1.99 13.89 16.34
C PRO A 281 -1.13 15.08 15.98
N SER A 282 -1.31 15.66 14.77
CA SER A 282 -0.50 16.81 14.39
C SER A 282 -0.74 17.95 15.35
N LEU A 283 -1.99 18.39 15.46
CA LEU A 283 -2.30 19.52 16.35
C LEU A 283 -1.97 19.22 17.80
N GLY A 284 -2.31 18.02 18.28
CA GLY A 284 -1.99 17.64 19.64
C GLY A 284 -0.49 17.69 19.90
N THR A 285 0.31 17.24 18.94
CA THR A 285 1.76 17.30 19.16
C THR A 285 2.22 18.75 19.26
N MET A 286 1.68 19.60 18.39
CA MET A 286 2.05 21.05 18.42
C MET A 286 1.68 21.62 19.80
N ARG A 287 0.51 21.24 20.33
CA ARG A 287 0.10 21.79 21.63
C ARG A 287 1.02 21.29 22.73
N ARG A 288 1.47 20.02 22.65
CA ARG A 288 2.36 19.51 23.68
C ARG A 288 3.66 20.29 23.67
N LEU A 289 4.11 20.66 22.45
CA LEU A 289 5.34 21.40 22.30
C LEU A 289 5.19 22.82 22.84
N LEU A 290 3.96 23.33 22.87
CA LEU A 290 3.74 24.70 23.32
C LEU A 290 3.47 24.80 24.81
N LYS A 291 3.26 23.68 25.51
CA LYS A 291 2.79 23.69 26.90
C LYS A 291 3.90 24.09 27.88
N ALA B 1 3.99 -5.85 -22.89
CA ALA B 1 3.66 -6.00 -21.45
C ALA B 1 4.87 -5.63 -20.59
N MET B 2 4.68 -5.53 -19.28
CA MET B 2 5.80 -5.24 -18.36
C MET B 2 6.84 -6.35 -18.53
N GLU B 3 6.37 -7.59 -18.66
CA GLU B 3 7.30 -8.73 -18.84
C GLU B 3 8.17 -8.48 -20.06
N GLN B 4 7.56 -8.09 -21.18
CA GLN B 4 8.33 -7.88 -22.43
C GLN B 4 9.33 -6.74 -22.22
N LEU B 5 8.90 -5.66 -21.60
CA LEU B 5 9.80 -4.50 -21.35
C LEU B 5 10.94 -4.93 -20.42
N LEU B 6 10.63 -5.72 -19.39
CA LEU B 6 11.67 -6.16 -18.43
C LEU B 6 12.63 -7.12 -19.13
N ARG B 7 12.10 -8.08 -19.89
CA ARG B 7 12.97 -9.02 -20.64
C ARG B 7 13.91 -8.22 -21.53
N ALA B 8 13.39 -7.15 -22.14
CA ALA B 8 14.20 -6.32 -23.05
C ALA B 8 15.15 -5.42 -22.26
N GLU B 9 14.64 -4.75 -21.23
CA GLU B 9 15.47 -3.79 -20.51
C GLU B 9 16.59 -4.50 -19.76
N LEU B 10 16.29 -5.68 -19.21
CA LEU B 10 17.28 -6.44 -18.44
C LEU B 10 18.01 -7.50 -19.26
N ARG B 11 17.51 -7.84 -20.46
CA ARG B 11 18.11 -8.83 -21.34
C ARG B 11 18.08 -10.24 -20.75
N THR B 12 16.88 -10.75 -20.47
CA THR B 12 16.65 -12.06 -19.87
C THR B 12 15.65 -12.85 -20.69
N ALA B 13 15.88 -14.17 -20.82
CA ALA B 13 14.92 -15.00 -21.54
C ALA B 13 13.65 -15.23 -20.73
N THR B 14 13.81 -15.78 -19.52
CA THR B 14 12.63 -16.10 -18.68
C THR B 14 12.36 -14.98 -17.67
N LEU B 15 11.13 -14.91 -17.18
CA LEU B 15 10.74 -13.89 -16.17
C LEU B 15 9.46 -14.38 -15.52
N ARG B 16 9.55 -14.99 -14.33
CA ARG B 16 8.34 -15.58 -13.69
C ARG B 16 8.04 -14.87 -12.38
N ALA B 17 6.85 -14.26 -12.28
CA ALA B 17 6.48 -13.54 -11.05
C ALA B 17 6.35 -14.52 -9.88
N PHE B 18 6.86 -14.12 -8.71
CA PHE B 18 6.94 -15.02 -7.56
C PHE B 18 6.46 -14.31 -6.30
N GLY B 19 6.12 -15.13 -5.31
CA GLY B 19 5.61 -14.64 -4.04
C GLY B 19 4.15 -14.25 -4.18
N GLY B 22 4.94 -12.86 6.04
CA GLY B 22 3.76 -12.04 5.83
C GLY B 22 3.56 -11.67 4.36
N ALA B 23 2.34 -11.26 3.99
CA ALA B 23 2.00 -10.89 2.61
C ALA B 23 0.57 -10.36 2.54
N GLY B 24 0.30 -9.42 1.63
CA GLY B 24 -0.96 -8.72 1.41
C GLY B 24 -0.88 -7.25 1.85
N CYS B 25 -1.74 -6.40 1.27
CA CYS B 25 -1.73 -4.98 1.65
C CYS B 25 -2.74 -4.62 2.72
N ILE B 26 -3.56 -5.57 3.14
CA ILE B 26 -4.63 -5.33 4.08
C ILE B 26 -4.37 -6.03 5.39
N SER B 27 -4.01 -7.31 5.33
CA SER B 27 -3.84 -8.14 6.51
C SER B 27 -2.45 -8.76 6.48
N GLU B 28 -2.03 -9.28 7.61
CA GLU B 28 -0.79 -10.05 7.69
C GLU B 28 -1.16 -11.52 7.43
N GLY B 29 -0.55 -12.13 6.41
CA GLY B 29 -0.84 -13.51 6.01
C GLY B 29 0.30 -14.48 6.27
N ARG B 30 -0.01 -15.63 6.88
CA ARG B 30 1.01 -16.62 7.23
C ARG B 30 0.50 -18.05 7.07
N ALA B 31 1.33 -18.94 6.54
CA ALA B 31 0.97 -20.36 6.42
C ALA B 31 1.57 -21.17 7.57
N TYR B 32 0.77 -22.11 8.08
CA TYR B 32 1.17 -22.99 9.18
C TYR B 32 0.83 -24.42 8.85
N ASP B 33 1.78 -25.33 9.13
CA ASP B 33 1.43 -26.74 9.16
C ASP B 33 0.82 -27.11 10.50
N THR B 34 -0.20 -27.97 10.46
CA THR B 34 -1.01 -28.34 11.63
C THR B 34 -1.26 -29.84 11.63
N ASP B 35 -1.84 -30.30 12.75
CA ASP B 35 -2.17 -31.72 12.88
C ASP B 35 -3.07 -32.17 11.72
N ALA B 36 -4.04 -31.35 11.34
CA ALA B 36 -4.94 -31.72 10.25
C ALA B 36 -4.47 -31.24 8.87
N GLY B 37 -3.21 -30.87 8.71
CA GLY B 37 -2.83 -30.30 7.43
C GLY B 37 -2.50 -28.82 7.50
N PRO B 38 -2.10 -28.25 6.36
CA PRO B 38 -1.71 -26.83 6.33
C PRO B 38 -2.91 -25.90 6.29
N VAL B 39 -2.72 -24.72 6.85
CA VAL B 39 -3.72 -23.66 6.88
C VAL B 39 -3.05 -22.35 6.50
N PHE B 40 -3.84 -21.37 6.07
CA PHE B 40 -3.38 -20.02 5.83
C PHE B 40 -4.16 -19.10 6.73
N VAL B 41 -3.48 -18.17 7.41
CA VAL B 41 -4.08 -17.36 8.44
C VAL B 41 -3.84 -15.89 8.09
N LYS B 42 -4.91 -15.10 8.02
CA LYS B 42 -4.85 -13.63 7.90
C LYS B 42 -5.17 -12.99 9.24
N VAL B 43 -4.39 -11.95 9.57
CA VAL B 43 -4.54 -11.28 10.86
C VAL B 43 -4.75 -9.81 10.56
N ASN B 44 -5.72 -9.23 11.22
CA ASN B 44 -5.96 -7.80 11.10
C ASN B 44 -6.33 -7.28 12.49
N ARG B 45 -5.63 -6.24 12.93
CA ARG B 45 -5.77 -5.76 14.30
C ARG B 45 -6.82 -4.66 14.47
N ARG B 46 -7.40 -4.15 13.38
CA ARG B 46 -8.40 -3.09 13.52
C ARG B 46 -9.72 -3.57 14.11
N THR B 47 -10.48 -2.60 14.61
CA THR B 47 -11.76 -2.90 15.23
C THR B 47 -12.68 -3.66 14.29
N GLN B 48 -12.67 -3.30 13.00
CA GLN B 48 -13.63 -3.83 12.03
C GLN B 48 -13.21 -5.18 11.45
N ALA B 49 -12.08 -5.73 11.90
CA ALA B 49 -11.51 -6.93 11.27
C ALA B 49 -12.52 -8.06 11.21
N ARG B 50 -13.28 -8.32 12.28
CA ARG B 50 -14.20 -9.44 12.23
C ARG B 50 -15.20 -9.23 11.09
N GLN B 51 -15.74 -8.00 10.99
CA GLN B 51 -16.72 -7.71 9.95
C GLN B 51 -16.12 -7.95 8.57
N MET B 52 -14.87 -7.50 8.39
CA MET B 52 -14.14 -7.68 7.14
C MET B 52 -14.04 -9.17 6.79
N PHE B 53 -13.56 -9.95 7.76
CA PHE B 53 -13.40 -11.39 7.47
C PHE B 53 -14.72 -12.09 7.32
N GLU B 54 -15.77 -11.64 8.02
CA GLU B 54 -17.03 -12.34 7.85
C GLU B 54 -17.57 -12.11 6.44
N GLY B 55 -17.26 -10.92 5.91
CA GLY B 55 -17.66 -10.64 4.51
C GLY B 55 -16.88 -11.55 3.55
N GLU B 56 -15.62 -11.80 3.86
CA GLU B 56 -14.80 -12.64 3.00
C GLU B 56 -15.31 -14.06 3.09
N VAL B 57 -15.70 -14.49 4.31
CA VAL B 57 -16.22 -15.85 4.44
C VAL B 57 -17.48 -16.01 3.60
N ALA B 58 -18.37 -15.01 3.67
CA ALA B 58 -19.63 -15.11 2.92
C ALA B 58 -19.34 -15.11 1.44
N SER B 59 -18.34 -14.33 1.02
CA SER B 59 -18.00 -14.31 -0.41
C SER B 59 -17.42 -15.65 -0.85
N LEU B 60 -16.47 -16.19 -0.03
CA LEU B 60 -15.90 -17.46 -0.42
C LEU B 60 -17.01 -18.52 -0.50
N GLU B 61 -17.97 -18.48 0.43
CA GLU B 61 -18.99 -19.50 0.42
C GLU B 61 -19.87 -19.37 -0.82
N ALA B 62 -20.21 -18.13 -1.19
CA ALA B 62 -21.05 -17.95 -2.37
C ALA B 62 -20.35 -18.44 -3.60
N LEU B 63 -19.01 -18.20 -3.70
CA LEU B 63 -18.31 -18.65 -4.90
C LEU B 63 -18.23 -20.18 -4.89
N ARG B 64 -17.98 -20.75 -3.70
CA ARG B 64 -17.80 -22.21 -3.65
C ARG B 64 -19.12 -22.91 -3.98
N SER B 65 -20.25 -22.26 -3.63
CA SER B 65 -21.54 -22.91 -3.94
C SER B 65 -21.80 -23.02 -5.41
N THR B 66 -21.17 -22.19 -6.24
CA THR B 66 -21.42 -22.31 -7.69
C THR B 66 -20.74 -23.53 -8.27
N GLY B 67 -19.65 -23.99 -7.64
CA GLY B 67 -18.87 -25.10 -8.21
C GLY B 67 -18.12 -24.78 -9.49
N LEU B 68 -17.92 -23.49 -9.85
CA LEU B 68 -17.36 -23.10 -11.14
C LEU B 68 -15.93 -22.62 -11.05
N VAL B 69 -15.44 -22.29 -9.84
CA VAL B 69 -14.11 -21.78 -9.61
C VAL B 69 -13.57 -22.42 -8.33
N ARG B 70 -12.24 -22.46 -8.18
CA ARG B 70 -11.63 -22.99 -6.96
C ARG B 70 -11.13 -21.84 -6.10
N VAL B 71 -11.58 -21.81 -4.85
CA VAL B 71 -11.21 -20.83 -3.84
C VAL B 71 -11.01 -21.55 -2.52
N PRO B 72 -10.26 -20.95 -1.62
CA PRO B 72 -9.99 -21.62 -0.34
C PRO B 72 -11.24 -21.78 0.51
N ARG B 73 -11.31 -22.90 1.21
CA ARG B 73 -12.40 -23.12 2.13
C ARG B 73 -12.20 -22.28 3.39
N PRO B 74 -13.15 -21.42 3.78
CA PRO B 74 -13.01 -20.71 5.05
C PRO B 74 -13.17 -21.67 6.22
N MET B 75 -12.37 -21.48 7.27
CA MET B 75 -12.43 -22.36 8.45
C MET B 75 -12.88 -21.66 9.71
N LYS B 76 -12.23 -20.56 10.12
CA LYS B 76 -12.62 -19.96 11.39
C LYS B 76 -12.27 -18.48 11.40
N VAL B 77 -13.10 -17.68 12.07
CA VAL B 77 -12.80 -16.29 12.38
C VAL B 77 -12.74 -16.19 13.88
N ILE B 78 -11.62 -15.72 14.37
CA ILE B 78 -11.25 -15.74 15.79
C ILE B 78 -11.00 -14.31 16.28
N ASP B 79 -11.72 -13.91 17.34
CA ASP B 79 -11.44 -12.61 17.96
C ASP B 79 -10.14 -12.66 18.76
N LEU B 80 -9.35 -11.60 18.62
CA LEU B 80 -8.02 -11.50 19.24
C LEU B 80 -8.08 -10.65 20.50
N PRO B 81 -7.54 -11.13 21.63
CA PRO B 81 -7.24 -10.22 22.74
C PRO B 81 -6.49 -8.99 22.25
N GLY B 82 -6.95 -7.83 22.70
CA GLY B 82 -6.34 -6.59 22.26
C GLY B 82 -6.88 -6.05 20.96
N GLY B 83 -7.85 -6.71 20.33
CA GLY B 83 -8.54 -6.12 19.22
C GLY B 83 -8.25 -6.82 17.89
N GLY B 84 -9.25 -6.81 17.02
CA GLY B 84 -9.03 -7.39 15.72
C GLY B 84 -9.36 -8.86 15.72
N ALA B 85 -8.93 -9.52 14.64
CA ALA B 85 -9.39 -10.87 14.39
C ALA B 85 -8.38 -11.59 13.53
N ALA B 86 -8.47 -12.91 13.54
CA ALA B 86 -7.63 -13.75 12.67
C ALA B 86 -8.57 -14.61 11.82
N PHE B 87 -8.27 -14.77 10.53
CA PHE B 87 -9.13 -15.59 9.64
C PHE B 87 -8.33 -16.81 9.17
N VAL B 88 -8.74 -18.00 9.58
CA VAL B 88 -8.04 -19.26 9.18
C VAL B 88 -8.80 -19.86 8.00
N MET B 89 -8.07 -20.26 6.95
CA MET B 89 -8.70 -20.86 5.75
C MET B 89 -7.82 -21.98 5.21
N GLU B 90 -8.36 -22.76 4.28
CA GLU B 90 -7.59 -23.86 3.64
C GLU B 90 -6.33 -23.28 2.99
N HIS B 91 -5.18 -23.94 3.21
CA HIS B 91 -3.93 -23.50 2.54
C HIS B 91 -3.90 -24.07 1.13
N LEU B 92 -3.52 -23.25 0.14
CA LEU B 92 -3.48 -23.73 -1.26
C LEU B 92 -2.09 -23.48 -1.86
N LYS B 93 -1.42 -24.53 -2.31
CA LYS B 93 -0.14 -24.36 -3.01
C LYS B 93 -0.39 -23.70 -4.36
N MET B 94 0.25 -22.57 -4.58
CA MET B 94 -0.07 -21.66 -5.67
C MET B 94 1.17 -21.03 -6.27
N LYS B 95 1.07 -20.71 -7.55
CA LYS B 95 2.03 -19.88 -8.26
C LYS B 95 1.26 -18.84 -9.08
N SER B 96 1.98 -17.82 -9.55
CA SER B 96 1.35 -16.74 -10.31
C SER B 96 0.60 -17.29 -11.52
N LEU B 97 -0.52 -16.65 -11.86
CA LEU B 97 -1.29 -17.10 -13.01
C LEU B 97 -0.55 -16.87 -14.30
N SER B 98 -0.41 -17.94 -15.11
CA SER B 98 0.24 -17.80 -16.40
C SER B 98 -0.43 -18.73 -17.40
N SER B 99 -0.03 -20.02 -17.40
CA SER B 99 -0.61 -20.96 -18.38
C SER B 99 -2.12 -21.14 -18.24
N GLN B 100 -2.65 -20.96 -17.02
CA GLN B 100 -4.06 -21.19 -16.74
C GLN B 100 -4.94 -19.93 -16.95
N ALA B 101 -4.40 -18.89 -17.63
CA ALA B 101 -5.20 -17.65 -17.79
C ALA B 101 -6.43 -17.85 -18.67
N SER B 102 -6.33 -18.58 -19.80
CA SER B 102 -7.51 -18.71 -20.65
C SER B 102 -8.57 -19.51 -19.91
N LYS B 103 -8.14 -20.56 -19.16
CA LYS B 103 -9.09 -21.31 -18.37
C LYS B 103 -9.81 -20.41 -17.35
N LEU B 104 -9.06 -19.54 -16.69
CA LEU B 104 -9.71 -18.62 -15.75
C LEU B 104 -10.68 -17.70 -16.44
N GLY B 105 -10.35 -17.20 -17.64
CA GLY B 105 -11.31 -16.36 -18.38
C GLY B 105 -12.62 -17.12 -18.61
N GLU B 106 -12.52 -18.41 -19.00
CA GLU B 106 -13.74 -19.23 -19.16
C GLU B 106 -14.52 -19.33 -17.85
N GLN B 107 -13.81 -19.62 -16.75
CA GLN B 107 -14.50 -19.81 -15.48
C GLN B 107 -15.17 -18.51 -15.02
N MET B 108 -14.46 -17.39 -15.17
CA MET B 108 -15.08 -16.13 -14.73
C MET B 108 -16.30 -15.77 -15.56
N ALA B 109 -16.28 -16.04 -16.87
CA ALA B 109 -17.48 -15.79 -17.63
C ALA B 109 -18.59 -16.73 -17.18
N ASP B 110 -18.27 -18.02 -16.95
CA ASP B 110 -19.33 -18.91 -16.47
C ASP B 110 -19.88 -18.47 -15.11
N LEU B 111 -19.02 -17.97 -14.23
CA LEU B 111 -19.44 -17.46 -12.93
C LEU B 111 -20.41 -16.31 -13.10
N HIS B 112 -20.08 -15.36 -13.99
CA HIS B 112 -20.99 -14.23 -14.21
C HIS B 112 -22.31 -14.67 -14.83
N LEU B 113 -22.27 -15.69 -15.67
CA LEU B 113 -23.48 -16.16 -16.34
C LEU B 113 -24.32 -17.08 -15.47
N TYR B 114 -23.76 -17.54 -14.35
CA TYR B 114 -24.47 -18.55 -13.52
C TYR B 114 -25.85 -18.06 -13.07
N ASN B 115 -25.98 -16.79 -12.69
CA ASN B 115 -27.25 -16.26 -12.13
C ASN B 115 -28.36 -16.35 -13.17
N GLN B 116 -28.01 -16.26 -14.46
CA GLN B 116 -29.03 -16.28 -15.53
C GLN B 116 -29.27 -17.69 -16.05
N LYS B 117 -28.28 -18.56 -15.98
CA LYS B 117 -28.40 -19.90 -16.63
C LYS B 117 -28.67 -21.00 -15.62
N GLY B 118 -28.26 -20.81 -14.37
CA GLY B 118 -28.40 -21.89 -13.37
C GLY B 118 -29.67 -21.75 -12.54
N SER B 119 -29.83 -22.61 -11.53
CA SER B 119 -30.98 -22.50 -10.60
C SER B 119 -30.68 -21.35 -9.65
N SER B 120 -30.49 -20.16 -10.21
CA SER B 120 -30.21 -18.96 -9.39
C SER B 120 -31.32 -17.95 -9.70
N TYR B 121 -31.76 -17.21 -8.71
CA TYR B 121 -32.91 -16.34 -8.98
C TYR B 121 -32.70 -14.92 -8.50
N VAL B 122 -31.46 -14.42 -8.43
CA VAL B 122 -31.23 -13.10 -7.82
C VAL B 122 -31.48 -12.02 -8.88
N ASP B 123 -32.53 -11.24 -8.69
CA ASP B 123 -32.96 -10.28 -9.69
C ASP B 123 -32.77 -8.88 -9.21
N LYS B 124 -31.85 -8.67 -8.25
CA LYS B 124 -31.52 -7.33 -7.79
C LYS B 124 -30.01 -7.30 -7.66
N PHE B 125 -29.47 -6.09 -7.55
CA PHE B 125 -28.03 -5.93 -7.35
C PHE B 125 -27.74 -5.68 -5.89
N GLY B 126 -26.64 -6.22 -5.42
CA GLY B 126 -26.31 -6.09 -3.99
C GLY B 126 -25.94 -7.43 -3.41
N PHE B 127 -26.14 -7.63 -2.10
CA PHE B 127 -25.72 -8.89 -1.47
C PHE B 127 -26.44 -9.03 -0.14
N HIS B 128 -26.44 -10.25 0.40
CA HIS B 128 -27.21 -10.54 1.60
C HIS B 128 -26.48 -10.11 2.87
N THR B 129 -25.24 -9.65 2.75
CA THR B 129 -24.48 -9.27 3.92
C THR B 129 -23.45 -8.23 3.52
N VAL B 130 -22.86 -7.59 4.53
CA VAL B 130 -21.84 -6.60 4.26
C VAL B 130 -20.54 -7.25 3.79
N THR B 131 -19.93 -6.71 2.75
CA THR B 131 -18.61 -7.18 2.33
C THR B 131 -17.77 -5.91 2.29
N CYS B 132 -16.51 -6.04 2.60
CA CYS B 132 -15.67 -4.85 2.78
C CYS B 132 -14.83 -4.67 1.55
N CYS B 133 -14.71 -3.44 1.11
CA CYS B 133 -13.71 -3.13 0.10
C CYS B 133 -12.44 -2.88 0.90
N GLY B 134 -11.52 -3.86 0.95
CA GLY B 134 -10.35 -3.66 1.81
C GLY B 134 -10.76 -3.45 3.26
N PHE B 135 -10.37 -2.30 3.83
CA PHE B 135 -10.75 -1.94 5.19
C PHE B 135 -12.14 -1.32 5.23
N ILE B 136 -12.72 -0.95 4.10
CA ILE B 136 -13.86 -0.04 4.08
C ILE B 136 -15.16 -0.85 3.98
N PRO B 137 -16.05 -0.78 4.97
CA PRO B 137 -17.32 -1.52 4.85
C PRO B 137 -18.19 -0.92 3.76
N GLN B 138 -18.87 -1.79 3.03
CA GLN B 138 -19.73 -1.38 1.94
C GLN B 138 -21.19 -1.63 2.30
N VAL B 139 -22.07 -0.77 1.81
CA VAL B 139 -23.50 -1.05 1.82
C VAL B 139 -23.82 -1.96 0.62
N ASN B 140 -24.55 -3.05 0.87
CA ASN B 140 -24.92 -3.99 -0.20
C ASN B 140 -26.43 -4.08 -0.33
N GLU B 141 -27.14 -3.03 0.15
CA GLU B 141 -28.59 -2.96 0.10
C GLU B 141 -29.07 -3.27 -1.29
N TRP B 142 -30.06 -4.18 -1.41
CA TRP B 142 -30.50 -4.57 -2.73
C TRP B 142 -31.19 -3.44 -3.47
N GLN B 143 -30.91 -3.33 -4.77
CA GLN B 143 -31.46 -2.29 -5.66
C GLN B 143 -31.82 -2.90 -6.99
N ASP B 144 -32.97 -2.47 -7.55
CA ASP B 144 -33.36 -3.04 -8.85
C ASP B 144 -32.48 -2.51 -9.97
N ASP B 145 -31.95 -1.30 -9.82
CA ASP B 145 -31.25 -0.61 -10.92
C ASP B 145 -29.72 -0.60 -10.66
N TRP B 146 -28.93 -1.16 -11.60
CA TRP B 146 -27.48 -1.21 -11.35
C TRP B 146 -26.87 0.18 -11.31
N PRO B 147 -27.18 1.11 -12.22
CA PRO B 147 -26.49 2.40 -12.14
C PRO B 147 -26.80 3.09 -10.86
N THR B 148 -28.00 2.89 -10.32
CA THR B 148 -28.32 3.46 -9.01
C THR B 148 -27.49 2.82 -7.91
N PHE B 149 -27.45 1.48 -7.89
CA PHE B 149 -26.64 0.80 -6.89
C PHE B 149 -25.19 1.26 -6.96
N PHE B 150 -24.62 1.29 -8.17
CA PHE B 150 -23.21 1.64 -8.27
C PHE B 150 -22.95 3.10 -7.89
N ALA B 151 -23.81 4.02 -8.37
CA ALA B 151 -23.56 5.42 -8.01
C ALA B 151 -23.71 5.64 -6.52
N ARG B 152 -24.75 5.07 -5.91
CA ARG B 152 -25.02 5.35 -4.49
C ARG B 152 -24.10 4.57 -3.56
N HIS B 153 -24.00 3.24 -3.74
CA HIS B 153 -23.35 2.37 -2.75
C HIS B 153 -21.92 2.02 -3.11
N ARG B 154 -21.40 2.57 -4.19
CA ARG B 154 -19.97 2.42 -4.51
C ARG B 154 -19.31 3.77 -4.74
N LEU B 155 -19.68 4.54 -5.77
CA LEU B 155 -18.96 5.79 -6.04
C LEU B 155 -19.26 6.86 -4.98
N GLN B 156 -20.55 7.12 -4.68
CA GLN B 156 -20.88 8.15 -3.68
C GLN B 156 -20.28 7.79 -2.31
N ALA B 157 -20.32 6.52 -1.94
CA ALA B 157 -19.69 6.10 -0.69
C ALA B 157 -18.19 6.47 -0.65
N GLN B 158 -17.45 6.15 -1.72
CA GLN B 158 -16.03 6.49 -1.75
C GLN B 158 -15.82 8.00 -1.71
N LEU B 159 -16.65 8.73 -2.45
CA LEU B 159 -16.46 10.21 -2.51
C LEU B 159 -16.89 10.90 -1.23
N ASP B 160 -17.85 10.34 -0.49
CA ASP B 160 -18.15 10.89 0.84
C ASP B 160 -16.95 10.73 1.79
N LEU B 161 -16.28 9.59 1.72
CA LEU B 161 -15.05 9.41 2.51
C LEU B 161 -13.94 10.33 2.05
N ILE B 162 -13.77 10.52 0.75
CA ILE B 162 -12.80 11.53 0.29
C ILE B 162 -13.14 12.90 0.83
N GLU B 163 -14.41 13.27 0.81
CA GLU B 163 -14.77 14.59 1.38
C GLU B 163 -14.49 14.65 2.87
N LYS B 164 -14.81 13.60 3.59
CA LYS B 164 -14.55 13.67 5.03
C LYS B 164 -13.04 13.76 5.30
N ASP B 165 -12.23 12.97 4.62
CA ASP B 165 -10.80 12.92 5.01
C ASP B 165 -9.89 13.90 4.28
N TYR B 166 -10.26 14.29 3.06
CA TYR B 166 -9.42 15.14 2.27
C TYR B 166 -10.07 16.48 1.92
N ALA B 167 -11.39 16.62 2.10
CA ALA B 167 -12.13 17.84 1.77
C ALA B 167 -11.73 18.38 0.40
N ASP B 168 -11.71 17.50 -0.60
CA ASP B 168 -11.14 17.84 -1.88
C ASP B 168 -12.19 18.53 -2.75
N ARG B 169 -12.02 19.84 -3.00
CA ARG B 169 -13.01 20.57 -3.77
C ARG B 169 -13.17 20.03 -5.17
N GLU B 170 -12.05 19.71 -5.82
CA GLU B 170 -12.11 19.28 -7.22
C GLU B 170 -12.90 17.97 -7.34
N ALA B 171 -12.64 17.01 -6.43
CA ALA B 171 -13.38 15.74 -6.47
C ALA B 171 -14.88 15.98 -6.30
N ARG B 172 -15.26 16.89 -5.40
CA ARG B 172 -16.66 17.19 -5.14
C ARG B 172 -17.34 17.75 -6.38
N GLU B 173 -16.66 18.70 -7.05
CA GLU B 173 -17.28 19.39 -8.17
C GLU B 173 -17.36 18.51 -9.42
N LEU B 174 -16.31 17.71 -9.64
CA LEU B 174 -16.34 16.77 -10.78
C LEU B 174 -17.39 15.70 -10.54
N TRP B 175 -17.54 15.25 -9.28
CA TRP B 175 -18.54 14.21 -9.07
C TRP B 175 -19.96 14.71 -9.33
N SER B 176 -20.28 15.93 -8.89
CA SER B 176 -21.61 16.44 -9.20
C SER B 176 -21.86 16.43 -10.69
N ARG B 177 -20.87 16.81 -11.50
CA ARG B 177 -21.11 16.75 -12.95
C ARG B 177 -21.22 15.31 -13.47
N LEU B 178 -20.37 14.41 -12.95
CA LEU B 178 -20.37 13.03 -13.47
C LEU B 178 -21.64 12.30 -13.15
N GLN B 179 -22.25 12.61 -12.01
CA GLN B 179 -23.51 12.00 -11.60
C GLN B 179 -24.55 12.17 -12.69
N VAL B 180 -24.54 13.33 -13.36
CA VAL B 180 -25.56 13.61 -14.36
C VAL B 180 -25.33 12.75 -15.59
N LYS B 181 -24.06 12.43 -15.84
CA LYS B 181 -23.69 11.70 -17.04
C LYS B 181 -23.93 10.21 -16.90
N ILE B 182 -23.97 9.69 -15.70
CA ILE B 182 -23.86 8.22 -15.54
C ILE B 182 -24.88 7.43 -16.34
N PRO B 183 -26.17 7.73 -16.31
CA PRO B 183 -27.14 6.90 -17.09
C PRO B 183 -26.82 6.81 -18.57
N ASP B 184 -26.27 7.87 -19.18
CA ASP B 184 -25.89 7.83 -20.59
C ASP B 184 -24.85 6.75 -20.89
N LEU B 185 -24.03 6.37 -19.90
CA LEU B 185 -22.95 5.43 -20.14
C LEU B 185 -23.48 4.02 -20.33
N PHE B 186 -24.73 3.79 -20.05
CA PHE B 186 -25.28 2.45 -20.07
C PHE B 186 -26.04 2.14 -21.35
N CYS B 187 -26.15 3.09 -22.27
CA CYS B 187 -26.60 2.74 -23.66
C CYS B 187 -27.95 2.04 -23.71
N GLY B 188 -28.80 2.29 -22.73
CA GLY B 188 -30.15 1.72 -22.72
C GLY B 188 -30.18 0.23 -22.50
N LEU B 189 -29.07 -0.35 -22.05
CA LEU B 189 -28.94 -1.79 -21.90
C LEU B 189 -29.69 -2.31 -20.67
N GLU B 190 -30.18 -3.53 -20.77
CA GLU B 190 -30.77 -4.22 -19.63
C GLU B 190 -29.64 -4.94 -18.94
N ILE B 191 -29.31 -4.53 -17.71
CA ILE B 191 -28.21 -5.14 -16.98
C ILE B 191 -28.74 -6.28 -16.13
N VAL B 192 -28.09 -7.44 -16.16
CA VAL B 192 -28.53 -8.62 -15.41
C VAL B 192 -27.59 -8.81 -14.22
N PRO B 193 -28.08 -9.08 -13.01
CA PRO B 193 -27.14 -9.27 -11.88
C PRO B 193 -26.23 -10.48 -12.13
N ALA B 194 -24.95 -10.34 -11.78
CA ALA B 194 -23.95 -11.39 -11.96
C ALA B 194 -23.17 -11.51 -10.66
N LEU B 195 -22.98 -12.72 -10.16
CA LEU B 195 -22.16 -12.87 -8.96
C LEU B 195 -20.71 -12.54 -9.29
N LEU B 196 -20.13 -11.59 -8.54
CA LEU B 196 -18.75 -11.18 -8.80
C LEU B 196 -17.79 -11.64 -7.70
N HIS B 197 -16.57 -11.98 -8.09
CA HIS B 197 -15.50 -12.07 -7.08
C HIS B 197 -15.36 -10.73 -6.33
N GLY B 198 -15.31 -9.63 -7.06
CA GLY B 198 -15.38 -8.30 -6.48
C GLY B 198 -14.01 -7.63 -6.30
N ASP B 199 -12.94 -8.38 -6.43
CA ASP B 199 -11.58 -7.81 -6.23
C ASP B 199 -10.57 -8.60 -7.05
N LEU B 200 -10.86 -8.75 -8.33
CA LEU B 200 -10.06 -9.66 -9.18
C LEU B 200 -8.85 -8.96 -9.77
N TRP B 201 -7.99 -8.41 -8.90
CA TRP B 201 -6.72 -7.93 -9.41
C TRP B 201 -5.76 -9.10 -9.52
N SER B 202 -4.66 -8.88 -10.28
CA SER B 202 -3.80 -10.04 -10.60
C SER B 202 -3.17 -10.64 -9.36
N GLY B 203 -3.03 -9.85 -8.27
CA GLY B 203 -2.55 -10.37 -7.00
C GLY B 203 -3.52 -11.30 -6.27
N ASN B 204 -4.76 -11.42 -6.75
CA ASN B 204 -5.78 -12.26 -6.11
C ASN B 204 -6.12 -13.45 -6.97
N VAL B 205 -5.29 -13.73 -8.00
CA VAL B 205 -5.50 -14.93 -8.81
C VAL B 205 -4.17 -15.68 -8.93
N ALA B 206 -4.26 -16.98 -9.20
CA ALA B 206 -3.05 -17.82 -9.16
C ALA B 206 -3.35 -19.13 -9.87
N GLU B 207 -2.46 -20.12 -9.74
CA GLU B 207 -2.79 -21.41 -10.35
C GLU B 207 -1.97 -22.50 -9.70
N ASP B 208 -2.47 -23.71 -9.83
CA ASP B 208 -1.68 -24.91 -9.47
C ASP B 208 -1.77 -25.88 -10.64
N ASP B 209 -1.38 -27.14 -10.44
CA ASP B 209 -1.38 -28.07 -11.57
C ASP B 209 -2.78 -28.49 -12.03
N VAL B 210 -3.79 -28.32 -11.20
CA VAL B 210 -5.13 -28.63 -11.64
C VAL B 210 -5.73 -27.48 -12.48
N GLY B 211 -5.35 -26.19 -12.21
CA GLY B 211 -5.94 -25.10 -12.96
C GLY B 211 -5.84 -23.81 -12.15
N PRO B 212 -6.60 -22.80 -12.53
CA PRO B 212 -6.49 -21.51 -11.84
C PRO B 212 -7.20 -21.56 -10.48
N ILE B 213 -6.84 -20.61 -9.62
CA ILE B 213 -7.37 -20.43 -8.28
C ILE B 213 -7.61 -18.94 -8.07
N ILE B 214 -8.66 -18.56 -7.33
CA ILE B 214 -8.87 -17.14 -7.00
C ILE B 214 -9.18 -17.06 -5.51
N TYR B 215 -8.95 -15.89 -4.89
CA TYR B 215 -9.08 -15.79 -3.43
C TYR B 215 -9.22 -14.33 -3.09
N ASP B 216 -9.42 -14.04 -1.78
CA ASP B 216 -9.62 -12.69 -1.26
C ASP B 216 -10.81 -11.98 -1.95
N PRO B 217 -11.96 -12.63 -2.12
CA PRO B 217 -13.11 -11.98 -2.78
C PRO B 217 -13.77 -10.97 -1.87
N ALA B 218 -14.54 -10.05 -2.52
CA ALA B 218 -15.42 -9.09 -1.81
C ALA B 218 -16.69 -9.06 -2.67
N SER B 219 -17.50 -10.10 -2.50
CA SER B 219 -18.49 -10.44 -3.53
C SER B 219 -19.78 -9.65 -3.39
N PHE B 220 -20.48 -9.52 -4.53
CA PHE B 220 -21.82 -8.97 -4.57
C PHE B 220 -22.36 -9.29 -5.96
N TYR B 221 -23.66 -9.06 -6.13
CA TYR B 221 -24.30 -9.20 -7.43
C TYR B 221 -24.23 -7.85 -8.13
N GLY B 222 -23.47 -7.81 -9.22
CA GLY B 222 -23.25 -6.53 -9.89
C GLY B 222 -23.29 -6.66 -11.40
N HIS B 223 -22.86 -5.64 -12.13
CA HIS B 223 -22.68 -5.79 -13.58
C HIS B 223 -21.41 -6.60 -13.83
N SER B 224 -21.49 -7.64 -14.68
CA SER B 224 -20.32 -8.46 -14.96
C SER B 224 -19.09 -7.63 -15.31
N GLU B 225 -19.30 -6.57 -16.10
CA GLU B 225 -18.16 -5.79 -16.58
C GLU B 225 -17.34 -5.21 -15.44
N PHE B 226 -17.98 -4.87 -14.33
CA PHE B 226 -17.25 -4.29 -13.21
C PHE B 226 -16.06 -5.17 -12.79
N GLU B 227 -16.25 -6.49 -12.84
CA GLU B 227 -15.16 -7.41 -12.45
C GLU B 227 -13.84 -7.12 -13.17
N LEU B 228 -13.91 -6.80 -14.45
CA LEU B 228 -12.72 -6.74 -15.29
C LEU B 228 -11.92 -5.46 -15.09
N ALA B 229 -12.55 -4.44 -14.49
CA ALA B 229 -11.89 -3.14 -14.47
C ALA B 229 -10.59 -3.18 -13.67
N ILE B 230 -10.63 -3.76 -12.46
CA ILE B 230 -9.41 -3.84 -11.66
C ILE B 230 -8.38 -4.79 -12.29
N ALA B 231 -8.86 -5.84 -12.98
CA ALA B 231 -7.98 -6.77 -13.69
C ALA B 231 -7.21 -6.01 -14.75
N LEU B 232 -7.88 -5.11 -15.45
CA LEU B 232 -7.19 -4.35 -16.51
C LEU B 232 -6.30 -3.27 -15.94
N MET B 233 -6.75 -2.55 -14.92
CA MET B 233 -6.03 -1.31 -14.62
C MET B 233 -4.68 -1.60 -14.00
N PHE B 234 -4.54 -2.69 -13.26
CA PHE B 234 -3.26 -3.01 -12.62
C PHE B 234 -2.46 -4.07 -13.37
N GLY B 235 -2.94 -4.53 -14.52
CA GLY B 235 -2.25 -5.47 -15.38
C GLY B 235 -2.08 -6.83 -14.71
N GLY B 236 -1.23 -7.66 -15.33
CA GLY B 236 -0.85 -8.92 -14.75
C GLY B 236 -1.62 -10.09 -15.30
N PHE B 237 -2.73 -9.83 -16.05
CA PHE B 237 -3.44 -10.93 -16.70
C PHE B 237 -2.97 -11.09 -18.14
N PRO B 238 -2.64 -12.31 -18.57
CA PRO B 238 -2.35 -12.52 -19.99
C PRO B 238 -3.53 -12.12 -20.85
N ARG B 239 -3.22 -11.65 -22.06
CA ARG B 239 -4.26 -11.38 -23.04
C ARG B 239 -5.27 -12.52 -23.18
N SER B 240 -4.80 -13.79 -23.11
CA SER B 240 -5.73 -14.90 -23.33
C SER B 240 -6.83 -15.01 -22.26
N PHE B 241 -6.62 -14.44 -21.05
CA PHE B 241 -7.71 -14.36 -20.09
C PHE B 241 -8.89 -13.59 -20.69
N PHE B 242 -8.61 -12.39 -21.23
CA PHE B 242 -9.70 -11.57 -21.75
C PHE B 242 -10.26 -12.14 -23.02
N THR B 243 -9.41 -12.73 -23.87
CA THR B 243 -9.93 -13.36 -25.08
C THR B 243 -10.96 -14.46 -24.76
N ALA B 244 -10.61 -15.31 -23.80
CA ALA B 244 -11.50 -16.42 -23.43
C ALA B 244 -12.79 -15.90 -22.81
N TYR B 245 -12.63 -14.91 -21.93
CA TYR B 245 -13.80 -14.33 -21.27
C TYR B 245 -14.78 -13.73 -22.30
N HIS B 246 -14.28 -12.90 -23.24
CA HIS B 246 -15.18 -12.17 -24.13
C HIS B 246 -15.68 -13.05 -25.26
N ARG B 247 -15.06 -14.21 -25.51
N ARG B 247 -15.05 -14.20 -25.49
CA ARG B 247 -15.72 -15.16 -26.39
CA ARG B 247 -15.69 -15.18 -26.38
C ARG B 247 -17.05 -15.59 -25.80
C ARG B 247 -17.03 -15.62 -25.80
N LYS B 248 -17.17 -15.64 -24.47
CA LYS B 248 -18.41 -16.07 -23.85
C LYS B 248 -19.35 -14.89 -23.55
N ILE B 249 -18.77 -13.73 -23.17
CA ILE B 249 -19.54 -12.53 -22.85
C ILE B 249 -18.95 -11.39 -23.66
N PRO B 250 -19.44 -11.19 -24.87
CA PRO B 250 -18.92 -10.09 -25.72
C PRO B 250 -19.13 -8.73 -25.09
N LYS B 251 -18.29 -7.79 -25.51
CA LYS B 251 -18.41 -6.44 -24.98
C LYS B 251 -19.71 -5.81 -25.47
N ALA B 252 -20.56 -5.38 -24.55
CA ALA B 252 -21.78 -4.65 -24.94
C ALA B 252 -21.39 -3.23 -25.41
N PRO B 253 -22.27 -2.53 -26.15
CA PRO B 253 -21.93 -1.14 -26.55
C PRO B 253 -21.66 -0.28 -25.31
N GLY B 254 -20.71 0.64 -25.45
CA GLY B 254 -20.31 1.55 -24.36
C GLY B 254 -19.35 0.92 -23.34
N PHE B 255 -18.92 -0.32 -23.57
CA PHE B 255 -18.00 -1.01 -22.65
C PHE B 255 -16.83 -0.11 -22.33
N ASP B 256 -16.24 0.51 -23.36
CA ASP B 256 -15.01 1.26 -23.11
C ASP B 256 -15.24 2.42 -22.18
N GLN B 257 -16.38 3.11 -22.27
CA GLN B 257 -16.63 4.23 -21.33
C GLN B 257 -17.01 3.73 -19.93
N ARG B 258 -17.80 2.65 -19.86
CA ARG B 258 -18.07 2.12 -18.53
C ARG B 258 -16.78 1.63 -17.87
N LEU B 259 -15.81 1.14 -18.67
CA LEU B 259 -14.56 0.67 -18.07
C LEU B 259 -13.91 1.80 -17.29
N LEU B 260 -13.97 3.03 -17.85
CA LEU B 260 -13.47 4.19 -17.11
C LEU B 260 -14.24 4.43 -15.82
N LEU B 261 -15.57 4.32 -15.86
CA LEU B 261 -16.38 4.51 -14.63
C LEU B 261 -15.99 3.49 -13.53
N TYR B 262 -15.81 2.23 -13.94
CA TYR B 262 -15.52 1.18 -12.99
C TYR B 262 -14.06 1.31 -12.47
N GLN B 263 -13.15 1.72 -13.36
CA GLN B 263 -11.78 2.00 -12.89
C GLN B 263 -11.77 3.19 -11.94
N LEU B 264 -12.60 4.19 -12.20
CA LEU B 264 -12.70 5.32 -11.27
C LEU B 264 -13.01 4.83 -9.86
N PHE B 265 -13.97 3.93 -9.73
CA PHE B 265 -14.26 3.40 -8.39
C PHE B 265 -12.97 2.86 -7.74
N ASN B 266 -12.21 2.06 -8.50
CA ASN B 266 -11.00 1.50 -7.88
C ASN B 266 -9.97 2.57 -7.56
N TYR B 267 -9.81 3.60 -8.41
CA TYR B 267 -8.87 4.70 -8.06
C TYR B 267 -9.30 5.40 -6.79
N LEU B 268 -10.61 5.66 -6.63
CA LEU B 268 -11.09 6.32 -5.41
C LEU B 268 -10.82 5.46 -4.19
N ASN B 269 -11.06 4.15 -4.34
CA ASN B 269 -10.81 3.26 -3.24
C ASN B 269 -9.33 3.22 -2.88
N HIS B 270 -8.46 3.30 -3.89
CA HIS B 270 -7.02 3.33 -3.58
C HIS B 270 -6.60 4.67 -3.00
N TRP B 271 -7.27 5.74 -3.39
CA TRP B 271 -7.05 7.03 -2.71
C TRP B 271 -7.43 6.93 -1.24
N ASN B 272 -8.58 6.34 -0.94
CA ASN B 272 -8.99 6.18 0.45
C ASN B 272 -8.09 5.22 1.21
N HIS B 273 -7.61 4.14 0.57
CA HIS B 273 -6.74 3.21 1.31
C HIS B 273 -5.30 3.69 1.43
N PHE B 274 -4.75 4.24 0.36
CA PHE B 274 -3.31 4.41 0.24
C PHE B 274 -2.88 5.85 0.06
N GLY B 275 -3.82 6.82 -0.02
CA GLY B 275 -3.53 8.26 0.05
C GLY B 275 -3.42 8.97 -1.28
N ARG B 276 -2.85 10.18 -1.21
CA ARG B 276 -2.97 11.19 -2.25
C ARG B 276 -2.29 10.85 -3.56
N GLU B 277 -1.42 9.84 -3.56
CA GLU B 277 -0.85 9.32 -4.77
C GLU B 277 -1.98 8.97 -5.75
N TYR B 278 -3.16 8.66 -5.25
CA TYR B 278 -4.22 8.25 -6.16
C TYR B 278 -5.19 9.39 -6.47
N ARG B 279 -4.91 10.63 -6.03
CA ARG B 279 -5.80 11.73 -6.38
C ARG B 279 -5.73 12.02 -7.87
N SER B 280 -4.50 12.06 -8.45
CA SER B 280 -4.40 12.43 -9.86
C SER B 280 -5.14 11.46 -10.79
N PRO B 281 -4.99 10.15 -10.68
CA PRO B 281 -5.77 9.27 -11.59
C PRO B 281 -7.28 9.36 -11.32
N SER B 282 -7.69 9.55 -10.07
CA SER B 282 -9.12 9.66 -9.77
C SER B 282 -9.73 10.85 -10.51
N LEU B 283 -9.14 12.02 -10.32
CA LEU B 283 -9.66 13.26 -10.96
C LEU B 283 -9.54 13.16 -12.49
N GLY B 284 -8.40 12.66 -12.98
CA GLY B 284 -8.19 12.53 -14.43
C GLY B 284 -9.24 11.65 -15.08
N THR B 285 -9.63 10.57 -14.40
CA THR B 285 -10.64 9.64 -14.96
C THR B 285 -12.00 10.34 -15.03
N MET B 286 -12.34 11.09 -13.98
CA MET B 286 -13.63 11.83 -13.99
C MET B 286 -13.61 12.86 -15.13
N ARG B 287 -12.48 13.53 -15.32
CA ARG B 287 -12.37 14.55 -16.41
C ARG B 287 -12.55 13.86 -17.77
N ARG B 288 -11.92 12.70 -17.95
CA ARG B 288 -11.99 11.99 -19.26
C ARG B 288 -13.44 11.61 -19.54
N LEU B 289 -14.18 11.21 -18.49
CA LEU B 289 -15.59 10.81 -18.68
C LEU B 289 -16.43 12.06 -18.99
N LEU B 290 -15.98 13.23 -18.53
CA LEU B 290 -16.78 14.41 -18.73
C LEU B 290 -16.46 15.09 -20.05
N LYS B 291 -15.45 14.60 -20.76
CA LYS B 291 -14.92 15.28 -21.93
C LYS B 291 -15.82 15.11 -23.16
#